data_6Y8F
#
_entry.id   6Y8F
#
_cell.length_a   37.311
_cell.length_b   82.774
_cell.length_c   49.700
_cell.angle_alpha   90.000
_cell.angle_beta   94.440
_cell.angle_gamma   90.000
#
_symmetry.space_group_name_H-M   'P 1 21 1'
#
loop_
_entity.id
_entity.type
_entity.pdbx_description
1 polymer 'Alpha-1,6-endo-mannanase GH76A mutant'
2 branched alpha-D-mannopyranose-(1-6)-alpha-D-mannopyranose-(1-6)-alpha-D-mannopyranose
3 non-polymer 'CALCIUM ION'
4 water water
#
_entity_poly.entity_id   1
_entity_poly.type   'polypeptide(L)'
_entity_poly.pdbx_seq_one_letter_code
;MGSSHHHHHHSSGLVPRGSHMASSADDDGIDDVQEEEEEQPVEPGEEEDDEVADWGEVAENLQEQTYNIYLTSNGTFRQD
NEGNENFNYWWNAHMLDVLIDGYERTGDESYLPKMKSLLEGIEVRNGNKYENVFINNMEWLGIACLRTYKLTNDQQYKEV
ADLLWEETKQGWSDVHGGGIAWKTDTPNSKNACSNGPAAIFALYLYEIDQDEEDLEWAKKIYHWLKDTLVDPESGLVWDN
IDYHDGEAIINRDWIFTYNVGTYIGAANLLHQATGEGMYLDDAIKSASSVVAPGELTTGGVLKNEGQGDGGLFKGILVRY
FTQLALNPDLPDGKRNEFEEFVLFNAETLYHNGLTSAGLAGPNWNDEPSGRVDLSTQLSGVMLMEAKALLE
;
_entity_poly.pdbx_strand_id   A
#
# COMPACT_ATOMS: atom_id res chain seq x y z
N ASP A 54 21.21 6.10 12.59
CA ASP A 54 19.89 6.66 12.90
C ASP A 54 18.97 6.52 11.68
N TRP A 55 18.03 5.59 11.79
CA TRP A 55 17.14 5.31 10.67
C TRP A 55 16.11 6.42 10.47
N GLY A 56 15.67 7.06 11.56
CA GLY A 56 14.78 8.21 11.41
C GLY A 56 15.45 9.35 10.66
N GLU A 57 16.75 9.55 10.88
CA GLU A 57 17.50 10.55 10.14
C GLU A 57 17.54 10.20 8.65
N VAL A 58 17.71 8.92 8.33
CA VAL A 58 17.71 8.49 6.93
C VAL A 58 16.36 8.76 6.30
N ALA A 59 15.29 8.40 7.01
CA ALA A 59 13.94 8.62 6.49
C ALA A 59 13.66 10.09 6.25
N GLU A 60 14.06 10.96 7.19
CA GLU A 60 13.84 12.39 7.02
C GLU A 60 14.61 12.92 5.81
N ASN A 61 15.84 12.45 5.61
CA ASN A 61 16.59 12.86 4.42
C ASN A 61 15.87 12.45 3.14
N LEU A 62 15.29 11.25 3.12
CA LEU A 62 14.58 10.80 1.94
C LEU A 62 13.25 11.53 1.75
N GLN A 63 12.58 11.85 2.87
CA GLN A 63 11.39 12.70 2.78
C GLN A 63 11.70 14.01 2.08
N GLU A 64 12.79 14.64 2.50
CA GLU A 64 13.19 15.97 1.96
C GLU A 64 13.61 15.85 0.48
N GLN A 65 14.41 14.84 0.15
CA GLN A 65 14.83 14.68 -1.27
C GLN A 65 13.60 14.41 -2.14
N THR A 66 12.68 13.56 -1.66
CA THR A 66 11.46 13.22 -2.44
C THR A 66 10.62 14.49 -2.66
N TYR A 67 10.34 15.22 -1.57
CA TYR A 67 9.56 16.45 -1.69
C TYR A 67 10.25 17.43 -2.62
N ASN A 68 11.56 17.62 -2.46
CA ASN A 68 12.27 18.63 -3.24
C ASN A 68 12.32 18.26 -4.72
N ILE A 69 12.56 16.99 -5.04
CA ILE A 69 12.73 16.63 -6.48
C ILE A 69 11.40 16.44 -7.20
N TYR A 70 10.35 16.04 -6.49
CA TYR A 70 9.12 15.67 -7.19
C TYR A 70 7.99 16.66 -7.05
N LEU A 71 8.08 17.65 -6.14
CA LEU A 71 7.01 18.62 -6.00
C LEU A 71 6.81 19.39 -7.30
N THR A 72 5.56 19.49 -7.74
CA THR A 72 5.22 20.32 -8.89
C THR A 72 4.15 21.32 -8.48
N SER A 73 3.40 21.86 -9.43
CA SER A 73 2.42 22.88 -9.07
C SER A 73 1.25 22.27 -8.31
N ASN A 74 0.50 23.13 -7.62
CA ASN A 74 -0.73 22.75 -6.92
C ASN A 74 -0.49 21.68 -5.86
N GLY A 75 0.70 21.65 -5.28
CA GLY A 75 0.98 20.74 -4.18
C GLY A 75 0.98 19.26 -4.53
N THR A 76 1.02 18.91 -5.81
CA THR A 76 1.10 17.51 -6.22
C THR A 76 2.53 17.16 -6.63
N PHE A 77 2.72 15.94 -7.12
CA PHE A 77 4.05 15.41 -7.34
C PHE A 77 4.14 14.77 -8.72
N ARG A 78 5.22 15.07 -9.44
CA ARG A 78 5.39 14.73 -10.84
C ARG A 78 5.75 13.26 -11.01
N GLN A 79 5.58 12.77 -12.25
CA GLN A 79 5.72 11.34 -12.51
C GLN A 79 7.16 10.87 -12.37
N ASP A 80 8.10 11.67 -12.87
CA ASP A 80 9.52 11.27 -12.75
C ASP A 80 10.38 12.51 -12.50
N ASN A 81 11.69 12.29 -12.38
CA ASN A 81 12.70 13.35 -12.13
C ASN A 81 13.30 13.79 -13.47
N GLU A 82 12.69 13.38 -14.57
CA GLU A 82 13.18 13.72 -15.93
C GLU A 82 12.14 14.55 -16.68
N GLY A 83 11.66 14.07 -17.83
CA GLY A 83 10.75 14.91 -18.65
C GLY A 83 9.25 14.66 -18.48
N ASN A 84 8.82 13.99 -17.41
CA ASN A 84 7.38 13.68 -17.29
C ASN A 84 6.71 14.37 -16.09
N GLU A 85 5.82 15.32 -16.35
CA GLU A 85 5.09 16.02 -15.28
C GLU A 85 3.68 15.44 -15.16
N ASN A 86 3.42 14.27 -15.78
CA ASN A 86 2.06 13.67 -15.71
C ASN A 86 1.64 13.45 -14.25
N PHE A 87 0.38 13.73 -13.96
CA PHE A 87 -0.21 13.51 -12.65
C PHE A 87 -0.68 12.07 -12.55
N ASN A 88 -0.19 11.34 -11.56
CA ASN A 88 -0.57 9.96 -11.29
C ASN A 88 -1.36 9.93 -9.99
N TYR A 89 -2.68 9.73 -10.12
CA TYR A 89 -3.59 9.77 -8.97
C TYR A 89 -3.11 8.87 -7.84
N TRP A 90 -2.94 7.57 -8.12
CA TRP A 90 -2.66 6.63 -7.03
C TRP A 90 -1.23 6.75 -6.52
N TRP A 91 -0.30 7.19 -7.36
CA TRP A 91 1.04 7.49 -6.85
C TRP A 91 0.99 8.66 -5.87
N ASN A 92 0.19 9.68 -6.18
CA ASN A 92 0.06 10.83 -5.30
C ASN A 92 -0.66 10.46 -4.01
N ALA A 93 -1.58 9.50 -4.08
CA ALA A 93 -2.21 8.97 -2.88
C ALA A 93 -1.17 8.39 -1.93
N HIS A 94 -0.19 7.66 -2.48
CA HIS A 94 0.83 7.06 -1.63
C HIS A 94 1.87 8.07 -1.16
N MET A 95 2.06 9.18 -1.87
CA MET A 95 2.85 10.28 -1.31
C MET A 95 2.19 10.83 -0.05
N LEU A 96 0.86 10.90 -0.05
CA LEU A 96 0.15 11.27 1.17
C LEU A 96 0.46 10.30 2.30
N ASP A 97 0.45 8.99 2.01
CA ASP A 97 0.82 8.00 3.00
C ASP A 97 2.25 8.22 3.49
N VAL A 98 3.16 8.58 2.58
CA VAL A 98 4.54 8.83 2.98
C VAL A 98 4.63 10.06 3.87
N LEU A 99 3.92 11.12 3.53
CA LEU A 99 3.92 12.31 4.36
C LEU A 99 3.37 12.01 5.75
N ILE A 100 2.35 11.16 5.83
CA ILE A 100 1.80 10.75 7.12
C ILE A 100 2.84 9.97 7.92
N ASP A 101 3.59 9.09 7.25
CA ASP A 101 4.69 8.38 7.90
C ASP A 101 5.63 9.36 8.57
N GLY A 102 6.02 10.42 7.84
CA GLY A 102 6.91 11.41 8.40
C GLY A 102 6.30 12.14 9.58
N TYR A 103 4.99 12.42 9.52
CA TYR A 103 4.35 13.12 10.62
C TYR A 103 4.31 12.27 11.87
N GLU A 104 3.97 10.99 11.75
CA GLU A 104 3.90 10.11 12.92
C GLU A 104 5.26 9.96 13.57
N ARG A 105 6.32 9.88 12.77
CA ARG A 105 7.66 9.71 13.33
C ARG A 105 8.12 10.95 14.07
N THR A 106 7.83 12.13 13.52
CA THR A 106 8.42 13.37 14.01
C THR A 106 7.50 14.19 14.91
N GLY A 107 6.20 14.19 14.65
CA GLY A 107 5.34 15.16 15.30
C GLY A 107 5.48 16.56 14.74
N ASP A 108 6.10 16.68 13.58
CA ASP A 108 6.41 17.98 12.97
C ASP A 108 5.20 18.43 12.17
N GLU A 109 4.53 19.50 12.63
CA GLU A 109 3.35 20.01 11.94
C GLU A 109 3.67 20.54 10.54
N SER A 110 4.95 20.65 10.17
CA SER A 110 5.30 21.07 8.82
C SER A 110 4.74 20.10 7.78
N TYR A 111 4.53 18.84 8.15
CA TYR A 111 3.98 17.87 7.21
C TYR A 111 2.52 18.14 6.91
N LEU A 112 1.80 18.76 7.86
CA LEU A 112 0.36 18.93 7.71
C LEU A 112 -0.03 19.82 6.53
N PRO A 113 0.55 21.01 6.33
CA PRO A 113 0.19 21.79 5.13
C PRO A 113 0.55 21.10 3.82
N LYS A 114 1.65 20.34 3.79
CA LYS A 114 1.98 19.59 2.58
C LYS A 114 0.96 18.49 2.32
N MET A 115 0.49 17.84 3.37
CA MET A 115 -0.58 16.85 3.20
C MET A 115 -1.84 17.52 2.67
N LYS A 116 -2.21 18.67 3.24
CA LYS A 116 -3.43 19.35 2.82
C LYS A 116 -3.32 19.86 1.39
N SER A 117 -2.18 20.45 1.04
CA SER A 117 -1.99 20.92 -0.34
C SER A 117 -2.06 19.76 -1.33
N LEU A 118 -1.56 18.59 -0.92
CA LEU A 118 -1.62 17.41 -1.78
C LEU A 118 -3.06 16.94 -1.96
N LEU A 119 -3.83 16.85 -0.86
CA LEU A 119 -5.23 16.45 -0.97
C LEU A 119 -6.00 17.38 -1.90
N GLU A 120 -5.80 18.68 -1.77
CA GLU A 120 -6.53 19.63 -2.60
C GLU A 120 -6.03 19.63 -4.03
N GLY A 121 -4.72 19.41 -4.22
CA GLY A 121 -4.19 19.33 -5.58
C GLY A 121 -4.65 18.11 -6.33
N ILE A 122 -4.84 16.99 -5.62
CA ILE A 122 -5.41 15.80 -6.25
C ILE A 122 -6.78 16.11 -6.83
N GLU A 123 -7.60 16.84 -6.09
CA GLU A 123 -8.94 17.19 -6.58
C GLU A 123 -8.86 17.96 -7.89
N VAL A 124 -7.96 18.93 -7.97
CA VAL A 124 -7.83 19.73 -9.20
C VAL A 124 -7.32 18.88 -10.35
N ARG A 125 -6.18 18.22 -10.16
CA ARG A 125 -5.54 17.50 -11.26
C ARG A 125 -6.31 16.26 -11.68
N ASN A 126 -7.20 15.74 -10.84
CA ASN A 126 -8.10 14.66 -11.21
C ASN A 126 -9.36 15.16 -11.91
N GLY A 127 -9.43 16.46 -12.21
CA GLY A 127 -10.56 17.02 -12.93
C GLY A 127 -11.64 17.60 -12.04
N ASN A 128 -11.24 18.31 -10.98
CA ASN A 128 -12.18 18.91 -10.03
C ASN A 128 -13.10 17.88 -9.40
N LYS A 129 -12.54 16.72 -9.04
CA LYS A 129 -13.29 15.65 -8.40
C LYS A 129 -12.30 14.67 -7.80
N TYR A 130 -12.80 13.84 -6.88
CA TYR A 130 -12.00 12.78 -6.28
C TYR A 130 -12.30 11.40 -6.86
N GLU A 131 -13.45 11.27 -7.52
CA GLU A 131 -13.85 9.97 -8.13
C GLU A 131 -12.87 9.63 -9.26
N ASN A 132 -12.62 8.34 -9.47
CA ASN A 132 -11.68 7.89 -10.48
C ASN A 132 -12.20 6.58 -11.06
N VAL A 133 -11.92 6.37 -12.36
CA VAL A 133 -12.46 5.19 -13.03
C VAL A 133 -11.90 3.90 -12.44
N PHE A 134 -10.67 3.93 -11.93
CA PHE A 134 -10.08 2.76 -11.31
C PHE A 134 -10.48 2.72 -9.84
N ILE A 135 -11.22 1.69 -9.46
CA ILE A 135 -11.74 1.62 -8.09
C ILE A 135 -10.60 1.47 -7.09
N ASN A 136 -9.54 0.74 -7.47
CA ASN A 136 -8.42 0.57 -6.55
C ASN A 136 -7.75 1.90 -6.25
N ASN A 137 -7.69 2.80 -7.24
CA ASN A 137 -7.15 4.15 -7.02
C ASN A 137 -7.93 4.86 -5.93
N MET A 138 -9.26 4.80 -5.99
CA MET A 138 -10.07 5.43 -4.96
C MET A 138 -9.83 4.80 -3.60
N GLU A 139 -9.60 3.48 -3.56
CA GLU A 139 -9.35 2.80 -2.30
C GLU A 139 -8.06 3.30 -1.65
N TRP A 140 -6.99 3.43 -2.45
CA TRP A 140 -5.71 3.89 -1.91
C TRP A 140 -5.85 5.27 -1.27
N LEU A 141 -6.50 6.21 -1.97
CA LEU A 141 -6.66 7.55 -1.43
C LEU A 141 -7.55 7.54 -0.19
N GLY A 142 -8.63 6.76 -0.22
CA GLY A 142 -9.50 6.68 0.93
C GLY A 142 -8.79 6.18 2.17
N ILE A 143 -7.90 5.18 2.01
CA ILE A 143 -7.14 4.66 3.14
C ILE A 143 -6.26 5.75 3.73
N ALA A 144 -5.54 6.48 2.88
CA ALA A 144 -4.67 7.55 3.36
C ALA A 144 -5.46 8.66 4.03
N CYS A 145 -6.68 8.90 3.54
CA CYS A 145 -7.54 9.97 4.14
C CYS A 145 -7.99 9.54 5.54
N LEU A 146 -8.41 8.29 5.70
CA LEU A 146 -8.82 7.80 7.04
C LEU A 146 -7.61 7.80 7.98
N ARG A 147 -6.44 7.40 7.47
CA ARG A 147 -5.21 7.42 8.31
C ARG A 147 -5.00 8.85 8.82
N THR A 148 -5.11 9.84 7.93
CA THR A 148 -4.92 11.22 8.33
C THR A 148 -5.94 11.65 9.38
N TYR A 149 -7.20 11.29 9.17
CA TYR A 149 -8.26 11.69 10.10
C TYR A 149 -8.02 11.12 11.49
N LYS A 150 -7.56 9.87 11.57
CA LYS A 150 -7.28 9.26 12.86
C LYS A 150 -6.23 10.05 13.64
N LEU A 151 -5.29 10.68 12.94
CA LEU A 151 -4.18 11.38 13.58
C LEU A 151 -4.43 12.86 13.78
N THR A 152 -5.32 13.48 12.99
CA THR A 152 -5.50 14.93 13.02
C THR A 152 -6.91 15.40 13.33
N ASN A 153 -7.92 14.54 13.21
CA ASN A 153 -9.33 14.92 13.39
C ASN A 153 -9.79 15.94 12.35
N ASP A 154 -9.08 16.04 11.21
CA ASP A 154 -9.42 16.99 10.16
C ASP A 154 -10.55 16.41 9.32
N GLN A 155 -11.74 16.98 9.45
CA GLN A 155 -12.93 16.43 8.81
C GLN A 155 -12.85 16.46 7.28
N GLN A 156 -12.03 17.35 6.71
CA GLN A 156 -11.92 17.42 5.26
C GLN A 156 -11.45 16.08 4.68
N TYR A 157 -10.54 15.40 5.39
CA TYR A 157 -10.08 14.09 4.93
C TYR A 157 -11.18 13.04 5.09
N LYS A 158 -11.96 13.12 6.17
CA LYS A 158 -13.04 12.16 6.38
C LYS A 158 -14.11 12.29 5.30
N GLU A 159 -14.42 13.52 4.89
CA GLU A 159 -15.44 13.70 3.86
C GLU A 159 -15.01 13.06 2.54
N VAL A 160 -13.74 13.23 2.16
CA VAL A 160 -13.25 12.59 0.95
C VAL A 160 -13.33 11.07 1.07
N ALA A 161 -12.89 10.54 2.21
CA ALA A 161 -12.94 9.10 2.43
C ALA A 161 -14.36 8.56 2.35
N ASP A 162 -15.32 9.28 2.95
CA ASP A 162 -16.71 8.84 2.88
C ASP A 162 -17.19 8.73 1.45
N LEU A 163 -16.85 9.72 0.61
CA LEU A 163 -17.21 9.69 -0.80
C LEU A 163 -16.61 8.47 -1.49
N LEU A 164 -15.32 8.23 -1.25
CA LEU A 164 -14.63 7.15 -1.93
C LEU A 164 -15.10 5.78 -1.47
N TRP A 165 -15.55 5.67 -0.22
CA TRP A 165 -16.08 4.39 0.26
C TRP A 165 -17.38 4.03 -0.45
N GLU A 166 -18.22 5.03 -0.67
CA GLU A 166 -19.50 4.78 -1.38
C GLU A 166 -19.20 4.26 -2.79
N GLU A 167 -18.22 4.86 -3.47
CA GLU A 167 -17.85 4.42 -4.81
C GLU A 167 -17.23 3.02 -4.78
N THR A 168 -16.42 2.74 -3.76
CA THR A 168 -15.78 1.43 -3.66
C THR A 168 -16.82 0.31 -3.55
N LYS A 169 -17.80 0.50 -2.66
CA LYS A 169 -18.85 -0.52 -2.42
C LYS A 169 -19.64 -0.79 -3.70
N GLN A 170 -19.76 0.20 -4.59
CA GLN A 170 -20.51 0.02 -5.86
C GLN A 170 -19.83 -0.98 -6.81
N GLY A 171 -18.51 -1.16 -6.69
CA GLY A 171 -17.77 -2.16 -7.50
C GLY A 171 -18.05 -3.60 -7.11
N TRP A 172 -18.69 -3.86 -5.97
CA TRP A 172 -18.95 -5.24 -5.59
C TRP A 172 -19.98 -5.87 -6.52
N SER A 173 -19.82 -7.17 -6.76
CA SER A 173 -20.83 -7.97 -7.44
C SER A 173 -20.57 -9.43 -7.13
N ASP A 174 -21.55 -10.27 -7.48
CA ASP A 174 -21.43 -11.71 -7.31
C ASP A 174 -20.71 -12.39 -8.47
N VAL A 175 -20.26 -11.64 -9.48
CA VAL A 175 -19.45 -12.24 -10.53
C VAL A 175 -18.19 -12.80 -9.89
N HIS A 176 -17.87 -14.05 -10.25
CA HIS A 176 -16.77 -14.80 -9.65
C HIS A 176 -16.97 -15.02 -8.14
N GLY A 177 -18.21 -14.99 -7.67
CA GLY A 177 -18.53 -15.28 -6.30
C GLY A 177 -18.42 -14.11 -5.35
N GLY A 178 -18.03 -12.94 -5.82
CA GLY A 178 -17.87 -11.78 -4.97
C GLY A 178 -16.72 -10.92 -5.48
N GLY A 179 -16.29 -10.01 -4.62
CA GLY A 179 -15.13 -9.19 -4.93
C GLY A 179 -15.49 -7.85 -5.54
N ILE A 180 -14.64 -6.87 -5.29
CA ILE A 180 -14.77 -5.54 -5.88
C ILE A 180 -14.12 -5.55 -7.26
N ALA A 181 -14.81 -4.95 -8.24
CA ALA A 181 -14.27 -4.87 -9.59
C ALA A 181 -13.07 -3.92 -9.63
N TRP A 182 -12.21 -4.16 -10.61
CA TRP A 182 -11.04 -3.31 -10.83
C TRP A 182 -11.45 -1.90 -11.25
N LYS A 183 -12.42 -1.80 -12.16
CA LYS A 183 -12.86 -0.52 -12.69
C LYS A 183 -14.38 -0.46 -12.68
N THR A 184 -14.91 0.77 -12.75
CA THR A 184 -16.34 0.98 -12.80
C THR A 184 -16.97 0.31 -14.01
N ASP A 185 -16.18 -0.09 -15.01
CA ASP A 185 -16.70 -0.69 -16.24
C ASP A 185 -16.00 -2.01 -16.58
N THR A 186 -15.35 -2.66 -15.61
CA THR A 186 -14.86 -4.03 -15.76
C THR A 186 -15.56 -4.90 -14.72
N PRO A 187 -16.85 -5.18 -14.91
CA PRO A 187 -17.59 -5.97 -13.91
C PRO A 187 -17.04 -7.38 -13.74
N ASN A 188 -16.31 -7.90 -14.72
CA ASN A 188 -15.82 -9.27 -14.68
C ASN A 188 -14.40 -9.39 -14.17
N SER A 189 -13.67 -8.29 -14.01
CA SER A 189 -12.29 -8.34 -13.57
C SER A 189 -12.24 -8.00 -12.08
N LYS A 190 -12.02 -9.02 -11.26
CA LYS A 190 -11.88 -8.87 -9.82
C LYS A 190 -10.41 -9.08 -9.47
N ASN A 191 -9.76 -8.04 -8.98
CA ASN A 191 -8.32 -8.03 -8.79
C ASN A 191 -7.97 -7.93 -7.31
N ALA A 192 -6.82 -8.51 -6.96
CA ALA A 192 -6.34 -8.40 -5.59
C ALA A 192 -6.13 -6.94 -5.19
N CYS A 193 -5.61 -6.12 -6.11
CA CYS A 193 -5.35 -4.73 -5.82
C CYS A 193 -6.61 -3.91 -5.60
N SER A 194 -7.79 -4.41 -5.98
CA SER A 194 -9.04 -3.72 -5.71
C SER A 194 -9.83 -4.36 -4.58
N ASN A 195 -9.28 -5.38 -3.93
CA ASN A 195 -9.97 -6.03 -2.83
C ASN A 195 -9.19 -5.98 -1.52
N GLY A 196 -7.90 -6.31 -1.54
CA GLY A 196 -7.05 -6.10 -0.39
C GLY A 196 -7.21 -4.72 0.21
N PRO A 197 -6.97 -3.68 -0.59
CA PRO A 197 -7.17 -2.31 -0.09
C PRO A 197 -8.60 -2.00 0.32
N ALA A 198 -9.60 -2.57 -0.35
CA ALA A 198 -10.98 -2.33 0.05
C ALA A 198 -11.24 -2.85 1.45
N ALA A 199 -10.68 -4.01 1.79
CA ALA A 199 -10.83 -4.54 3.14
C ALA A 199 -10.14 -3.64 4.17
N ILE A 200 -8.91 -3.19 3.87
CA ILE A 200 -8.20 -2.27 4.75
C ILE A 200 -9.02 -0.99 4.93
N PHE A 201 -9.52 -0.44 3.82
CA PHE A 201 -10.40 0.72 3.86
C PHE A 201 -11.56 0.51 4.82
N ALA A 202 -12.28 -0.61 4.65
CA ALA A 202 -13.43 -0.89 5.50
C ALA A 202 -13.04 -1.01 6.97
N LEU A 203 -11.87 -1.59 7.24
CA LEU A 203 -11.45 -1.80 8.62
C LEU A 203 -11.07 -0.48 9.30
N TYR A 204 -10.39 0.41 8.58
CA TYR A 204 -10.12 1.74 9.11
C TYR A 204 -11.42 2.48 9.39
N LEU A 205 -12.37 2.41 8.47
CA LEU A 205 -13.65 3.09 8.68
C LEU A 205 -14.40 2.50 9.87
N TYR A 206 -14.31 1.17 10.06
CA TYR A 206 -14.97 0.55 11.21
C TYR A 206 -14.35 1.03 12.51
N GLU A 207 -13.03 1.14 12.53
CA GLU A 207 -12.34 1.64 13.74
C GLU A 207 -12.87 3.04 14.03
N ILE A 208 -12.96 3.88 13.00
CA ILE A 208 -13.46 5.27 13.14
C ILE A 208 -14.97 5.38 13.35
N ASP A 209 -15.84 4.72 12.59
CA ASP A 209 -17.28 5.04 12.80
C ASP A 209 -18.04 3.94 13.55
N GLN A 210 -17.46 2.76 13.67
CA GLN A 210 -18.12 1.62 14.37
C GLN A 210 -19.46 1.27 13.72
N ASP A 211 -19.55 1.45 12.40
CA ASP A 211 -20.77 1.04 11.67
C ASP A 211 -20.62 -0.46 11.44
N GLU A 212 -21.55 -1.26 11.95
CA GLU A 212 -21.52 -2.75 11.82
C GLU A 212 -21.42 -3.18 10.35
N GLU A 213 -22.15 -2.49 9.45
CA GLU A 213 -22.10 -2.77 8.00
C GLU A 213 -20.66 -2.73 7.49
N ASP A 214 -19.78 -1.90 8.07
CA ASP A 214 -18.43 -1.81 7.53
C ASP A 214 -17.56 -3.00 7.95
N LEU A 215 -17.77 -3.54 9.15
CA LEU A 215 -17.07 -4.77 9.53
C LEU A 215 -17.54 -5.95 8.69
N GLU A 216 -18.84 -5.98 8.37
CA GLU A 216 -19.41 -7.04 7.52
C GLU A 216 -18.75 -6.95 6.12
N TRP A 217 -18.58 -5.73 5.61
CA TRP A 217 -17.94 -5.54 4.32
C TRP A 217 -16.50 -6.05 4.35
N ALA A 218 -15.76 -5.69 5.40
CA ALA A 218 -14.37 -6.15 5.52
C ALA A 218 -14.29 -7.67 5.51
N LYS A 219 -15.15 -8.33 6.29
CA LYS A 219 -15.13 -9.78 6.35
C LYS A 219 -15.48 -10.40 5.01
N LYS A 220 -16.49 -9.84 4.34
CA LYS A 220 -16.92 -10.42 3.06
C LYS A 220 -15.87 -10.24 1.98
N ILE A 221 -15.23 -9.06 1.92
CA ILE A 221 -14.16 -8.83 0.97
C ILE A 221 -12.99 -9.78 1.23
N TYR A 222 -12.52 -9.81 2.48
CA TYR A 222 -11.35 -10.61 2.83
C TYR A 222 -11.57 -12.08 2.53
N HIS A 223 -12.75 -12.59 2.88
CA HIS A 223 -12.98 -14.02 2.71
C HIS A 223 -13.17 -14.39 1.24
N TRP A 224 -13.69 -13.49 0.42
CA TRP A 224 -13.66 -13.73 -1.02
C TRP A 224 -12.23 -13.75 -1.54
N LEU A 225 -11.43 -12.77 -1.12
CA LEU A 225 -10.03 -12.71 -1.53
C LEU A 225 -9.30 -13.98 -1.13
N LYS A 226 -9.48 -14.44 0.11
CA LYS A 226 -8.82 -15.65 0.57
C LYS A 226 -9.30 -16.87 -0.19
N ASP A 227 -10.60 -16.93 -0.47
CA ASP A 227 -11.19 -18.11 -1.16
C ASP A 227 -10.85 -18.16 -2.65
N THR A 228 -10.46 -17.03 -3.25
CA THR A 228 -10.30 -16.95 -4.69
C THR A 228 -8.86 -16.74 -5.14
N LEU A 229 -8.14 -15.81 -4.53
CA LEU A 229 -6.86 -15.36 -5.07
C LEU A 229 -5.66 -15.71 -4.21
N VAL A 230 -5.85 -16.32 -3.05
CA VAL A 230 -4.74 -16.68 -2.18
C VAL A 230 -4.33 -18.11 -2.45
N ASP A 231 -3.04 -18.32 -2.68
CA ASP A 231 -2.49 -19.66 -2.90
C ASP A 231 -2.55 -20.41 -1.58
N PRO A 232 -3.31 -21.51 -1.49
CA PRO A 232 -3.41 -22.23 -0.21
C PRO A 232 -2.10 -22.82 0.27
N GLU A 233 -1.12 -23.02 -0.62
CA GLU A 233 0.14 -23.66 -0.19
C GLU A 233 1.15 -22.65 0.36
N SER A 234 1.04 -21.38 -0.04
CA SER A 234 2.04 -20.40 0.34
C SER A 234 1.51 -19.17 1.07
N GLY A 235 0.23 -18.83 0.89
CA GLY A 235 -0.26 -17.56 1.39
C GLY A 235 0.06 -16.37 0.51
N LEU A 236 0.75 -16.58 -0.62
CA LEU A 236 0.92 -15.51 -1.57
C LEU A 236 -0.35 -15.34 -2.39
N VAL A 237 -0.45 -14.21 -3.09
CA VAL A 237 -1.71 -13.76 -3.68
C VAL A 237 -1.56 -13.63 -5.18
N TRP A 238 -2.45 -14.29 -5.92
CA TRP A 238 -2.54 -14.18 -7.37
C TRP A 238 -3.22 -12.86 -7.75
N ASP A 239 -2.98 -12.43 -8.99
CA ASP A 239 -3.28 -11.04 -9.33
C ASP A 239 -4.76 -10.76 -9.50
N ASN A 240 -5.48 -11.61 -10.24
CA ASN A 240 -6.86 -11.28 -10.59
C ASN A 240 -7.56 -12.51 -11.11
N ILE A 241 -8.88 -12.40 -11.20
CA ILE A 241 -9.72 -13.37 -11.91
C ILE A 241 -10.59 -12.59 -12.90
N ASP A 242 -10.72 -13.13 -14.10
CA ASP A 242 -11.46 -12.47 -15.17
C ASP A 242 -11.95 -13.54 -16.12
N TYR A 243 -12.85 -13.15 -17.02
CA TYR A 243 -13.30 -14.05 -18.07
C TYR A 243 -12.34 -13.99 -19.25
N HIS A 244 -11.89 -15.17 -19.70
CA HIS A 244 -10.98 -15.30 -20.86
C HIS A 244 -11.49 -16.49 -21.69
N ASP A 245 -11.83 -16.21 -22.96
CA ASP A 245 -12.39 -17.25 -23.87
C ASP A 245 -13.67 -17.84 -23.27
N GLY A 246 -14.47 -17.02 -22.59
CA GLY A 246 -15.77 -17.45 -22.04
C GLY A 246 -15.70 -18.17 -20.71
N GLU A 247 -14.52 -18.31 -20.12
CA GLU A 247 -14.49 -18.97 -18.79
C GLU A 247 -13.62 -18.19 -17.81
N ALA A 248 -13.92 -18.34 -16.52
CA ALA A 248 -13.18 -17.63 -15.45
C ALA A 248 -11.77 -18.21 -15.33
N ILE A 249 -10.76 -17.34 -15.42
CA ILE A 249 -9.34 -17.77 -15.30
C ILE A 249 -8.63 -16.85 -14.30
N ILE A 250 -7.84 -17.45 -13.42
CA ILE A 250 -7.03 -16.73 -12.45
C ILE A 250 -5.63 -16.57 -13.03
N ASN A 251 -5.07 -15.36 -12.95
CA ASN A 251 -3.69 -15.12 -13.34
C ASN A 251 -2.80 -15.51 -12.17
N ARG A 252 -2.29 -16.73 -12.19
CA ARG A 252 -1.37 -17.20 -11.17
C ARG A 252 0.09 -16.87 -11.48
N ASP A 253 0.38 -16.41 -12.71
CA ASP A 253 1.74 -16.05 -13.06
C ASP A 253 2.17 -14.75 -12.40
N TRP A 254 1.22 -13.86 -12.14
CA TRP A 254 1.51 -12.54 -11.61
C TRP A 254 1.34 -12.60 -10.08
N ILE A 255 2.48 -12.74 -9.40
CA ILE A 255 2.51 -12.74 -7.90
C ILE A 255 3.32 -11.51 -7.51
N PHE A 256 2.64 -10.43 -7.13
CA PHE A 256 3.32 -9.16 -6.80
C PHE A 256 3.40 -8.97 -5.29
N THR A 257 4.42 -8.23 -4.85
CA THR A 257 4.67 -7.96 -3.41
C THR A 257 3.48 -7.22 -2.80
N TYR A 258 2.93 -6.23 -3.51
CA TYR A 258 1.82 -5.41 -2.95
C TYR A 258 0.54 -6.21 -2.70
N ASN A 259 0.27 -7.25 -3.51
CA ASN A 259 -0.98 -8.05 -3.35
C ASN A 259 -0.90 -8.87 -2.05
N VAL A 260 0.19 -9.59 -1.83
CA VAL A 260 0.32 -10.24 -0.53
C VAL A 260 0.43 -9.19 0.56
N GLY A 261 0.95 -8.00 0.23
CA GLY A 261 1.04 -6.94 1.22
C GLY A 261 -0.30 -6.53 1.76
N THR A 262 -1.27 -6.27 0.87
CA THR A 262 -2.58 -5.83 1.35
C THR A 262 -3.38 -6.97 1.95
N TYR A 263 -3.11 -8.21 1.53
CA TYR A 263 -3.73 -9.36 2.19
C TYR A 263 -3.24 -9.48 3.62
N ILE A 264 -1.92 -9.34 3.83
CA ILE A 264 -1.37 -9.32 5.18
C ILE A 264 -1.97 -8.18 5.98
N GLY A 265 -2.02 -6.99 5.37
CA GLY A 265 -2.57 -5.83 6.08
C GLY A 265 -4.02 -6.02 6.49
N ALA A 266 -4.83 -6.59 5.60
CA ALA A 266 -6.23 -6.84 5.91
C ALA A 266 -6.38 -7.89 7.00
N ALA A 267 -5.58 -8.96 6.93
CA ALA A 267 -5.64 -10.01 7.95
C ALA A 267 -5.24 -9.47 9.31
N ASN A 268 -4.17 -8.67 9.36
CA ASN A 268 -3.74 -8.06 10.62
C ASN A 268 -4.84 -7.19 11.21
N LEU A 269 -5.51 -6.39 10.38
CA LEU A 269 -6.55 -5.50 10.88
C LEU A 269 -7.79 -6.27 11.30
N LEU A 270 -8.13 -7.35 10.59
CA LEU A 270 -9.28 -8.14 10.99
C LEU A 270 -9.03 -8.86 12.31
N HIS A 271 -7.78 -9.26 12.54
CA HIS A 271 -7.44 -9.90 13.84
C HIS A 271 -7.67 -8.89 14.95
N GLN A 272 -7.26 -7.64 14.71
CA GLN A 272 -7.43 -6.53 15.68
C GLN A 272 -8.91 -6.21 15.91
N ALA A 273 -9.73 -6.33 14.86
CA ALA A 273 -11.17 -5.99 14.93
C ALA A 273 -12.03 -7.12 15.49
N THR A 274 -11.52 -8.36 15.50
CA THR A 274 -12.37 -9.49 15.96
C THR A 274 -11.70 -10.32 17.06
N GLY A 275 -10.37 -10.41 17.04
CA GLY A 275 -9.62 -11.27 18.00
C GLY A 275 -9.54 -12.71 17.51
N GLU A 276 -10.07 -13.01 16.32
CA GLU A 276 -10.07 -14.38 15.75
C GLU A 276 -8.65 -14.74 15.34
N GLY A 277 -8.11 -15.82 15.91
CA GLY A 277 -6.75 -16.23 15.63
C GLY A 277 -6.52 -16.61 14.18
N MET A 278 -7.56 -17.04 13.47
CA MET A 278 -7.43 -17.43 12.08
C MET A 278 -6.83 -16.31 11.24
N TYR A 279 -7.24 -15.07 11.50
CA TYR A 279 -6.69 -13.94 10.75
C TYR A 279 -5.21 -13.76 11.01
N LEU A 280 -4.79 -13.92 12.27
CA LEU A 280 -3.37 -13.84 12.59
C LEU A 280 -2.61 -14.99 11.96
N ASP A 281 -3.17 -16.20 11.98
CA ASP A 281 -2.54 -17.34 11.32
C ASP A 281 -2.37 -17.08 9.83
N ASP A 282 -3.40 -16.52 9.18
CA ASP A 282 -3.29 -16.18 7.77
C ASP A 282 -2.14 -15.22 7.51
N ALA A 283 -2.05 -14.16 8.31
CA ALA A 283 -1.03 -13.15 8.09
C ALA A 283 0.37 -13.70 8.32
N ILE A 284 0.54 -14.53 9.35
CA ILE A 284 1.86 -15.09 9.64
C ILE A 284 2.30 -16.01 8.51
N LYS A 285 1.38 -16.79 7.96
CA LYS A 285 1.73 -17.71 6.88
C LYS A 285 2.18 -16.95 5.64
N SER A 286 1.45 -15.89 5.26
CA SER A 286 1.83 -15.10 4.10
C SER A 286 3.15 -14.38 4.33
N ALA A 287 3.32 -13.78 5.51
CA ALA A 287 4.56 -13.07 5.80
C ALA A 287 5.75 -14.01 5.88
N SER A 288 5.54 -15.22 6.40
CA SER A 288 6.63 -16.19 6.46
C SER A 288 7.08 -16.58 5.05
N SER A 289 6.15 -16.66 4.11
CA SER A 289 6.52 -16.96 2.73
C SER A 289 7.27 -15.80 2.10
N VAL A 290 6.96 -14.57 2.51
CA VAL A 290 7.71 -13.41 2.02
C VAL A 290 9.16 -13.50 2.46
N VAL A 291 9.40 -13.92 3.71
CA VAL A 291 10.75 -13.94 4.26
C VAL A 291 11.56 -15.08 3.66
N ALA A 292 10.98 -16.29 3.63
CA ALA A 292 11.68 -17.45 3.14
C ALA A 292 11.95 -17.31 1.64
N PRO A 293 13.02 -17.93 1.14
CA PRO A 293 13.36 -17.80 -0.28
C PRO A 293 12.18 -18.21 -1.17
N GLY A 294 12.02 -17.51 -2.28
CA GLY A 294 10.92 -17.83 -3.18
C GLY A 294 10.67 -16.74 -4.19
N GLU A 295 9.42 -16.67 -4.67
CA GLU A 295 9.01 -15.77 -5.77
C GLU A 295 9.33 -14.28 -5.54
N LEU A 296 9.31 -13.80 -4.30
CA LEU A 296 9.32 -12.36 -4.10
C LEU A 296 10.67 -11.81 -3.67
N THR A 297 11.69 -12.65 -3.49
CA THR A 297 12.98 -12.19 -3.00
C THR A 297 14.11 -12.76 -3.84
N THR A 298 15.19 -11.99 -3.91
CA THR A 298 16.46 -12.43 -4.51
C THR A 298 17.54 -12.17 -3.47
N GLY A 299 18.16 -13.23 -2.96
CA GLY A 299 19.16 -13.07 -1.91
C GLY A 299 18.66 -12.40 -0.65
N GLY A 300 17.42 -12.69 -0.27
CA GLY A 300 16.83 -12.11 0.93
C GLY A 300 16.31 -10.70 0.77
N VAL A 301 16.40 -10.12 -0.42
CA VAL A 301 15.96 -8.76 -0.69
C VAL A 301 14.71 -8.83 -1.56
N LEU A 302 13.69 -8.05 -1.22
CA LEU A 302 12.52 -7.94 -2.07
C LEU A 302 12.93 -7.54 -3.48
N LYS A 303 12.32 -8.18 -4.47
CA LYS A 303 12.89 -8.20 -5.80
C LYS A 303 12.51 -6.97 -6.63
N ASN A 304 13.24 -6.80 -7.73
CA ASN A 304 12.98 -5.75 -8.69
C ASN A 304 11.68 -6.05 -9.43
N GLU A 305 10.70 -5.14 -9.32
CA GLU A 305 9.45 -5.26 -10.04
C GLU A 305 9.28 -4.18 -11.09
N GLY A 306 10.39 -3.53 -11.46
CA GLY A 306 10.37 -2.50 -12.50
C GLY A 306 9.89 -1.15 -11.98
N GLN A 307 9.81 -0.17 -12.88
CA GLN A 307 9.36 1.19 -12.54
C GLN A 307 7.88 1.35 -12.88
N GLY A 308 7.41 2.58 -13.03
CA GLY A 308 5.98 2.80 -13.29
C GLY A 308 5.15 2.34 -12.11
N ASP A 309 3.99 1.73 -12.36
CA ASP A 309 3.15 1.30 -11.24
C ASP A 309 3.87 0.30 -10.36
N GLY A 310 4.66 -0.61 -10.97
CA GLY A 310 5.36 -1.63 -10.21
C GLY A 310 6.39 -1.07 -9.26
N GLY A 311 6.85 0.16 -9.48
CA GLY A 311 7.81 0.76 -8.57
C GLY A 311 7.28 0.92 -7.16
N LEU A 312 5.96 1.06 -7.02
CA LEU A 312 5.33 1.26 -5.71
C LEU A 312 5.03 -0.04 -4.98
N PHE A 313 5.19 -1.19 -5.62
CA PHE A 313 4.68 -2.44 -5.04
C PHE A 313 5.43 -2.81 -3.76
N LYS A 314 6.77 -2.73 -3.79
CA LYS A 314 7.56 -3.16 -2.64
C LYS A 314 7.24 -2.34 -1.39
N GLY A 315 7.11 -1.02 -1.55
CA GLY A 315 6.83 -0.18 -0.38
C GLY A 315 5.52 -0.55 0.29
N ILE A 316 4.50 -0.89 -0.51
CA ILE A 316 3.21 -1.26 0.05
C ILE A 316 3.32 -2.53 0.86
N LEU A 317 4.05 -3.52 0.35
CA LEU A 317 4.26 -4.75 1.13
C LEU A 317 4.97 -4.43 2.44
N VAL A 318 6.03 -3.62 2.39
CA VAL A 318 6.78 -3.32 3.60
C VAL A 318 5.91 -2.60 4.63
N ARG A 319 5.00 -1.73 4.17
CA ARG A 319 4.13 -1.02 5.11
C ARG A 319 3.30 -2.00 5.93
N TYR A 320 2.64 -2.95 5.27
CA TYR A 320 1.71 -3.83 5.99
C TYR A 320 2.42 -5.00 6.66
N PHE A 321 3.50 -5.49 6.06
CA PHE A 321 4.39 -6.43 6.75
C PHE A 321 4.85 -5.84 8.09
N THR A 322 5.22 -4.55 8.09
CA THR A 322 5.66 -3.90 9.32
C THR A 322 4.51 -3.79 10.33
N GLN A 323 3.30 -3.51 9.85
CA GLN A 323 2.16 -3.46 10.76
C GLN A 323 1.92 -4.81 11.43
N LEU A 324 2.11 -5.90 10.69
CA LEU A 324 2.00 -7.22 11.30
C LEU A 324 3.08 -7.44 12.35
N ALA A 325 4.31 -7.01 12.05
CA ALA A 325 5.39 -7.13 13.02
C ALA A 325 5.10 -6.36 14.30
N LEU A 326 4.17 -5.40 14.27
CA LEU A 326 3.80 -4.62 15.44
C LEU A 326 2.59 -5.17 16.18
N ASN A 327 2.01 -6.27 15.71
CA ASN A 327 0.85 -6.86 16.39
C ASN A 327 1.29 -7.49 17.69
N PRO A 328 0.71 -7.11 18.83
CA PRO A 328 1.19 -7.65 20.12
C PRO A 328 0.99 -9.15 20.28
N ASP A 329 0.10 -9.75 19.50
CA ASP A 329 -0.17 -11.21 19.60
C ASP A 329 0.84 -12.02 18.76
N LEU A 330 1.66 -11.35 17.95
CA LEU A 330 2.64 -12.07 17.14
C LEU A 330 3.66 -12.76 18.03
N PRO A 331 3.95 -14.04 17.81
CA PRO A 331 4.95 -14.73 18.63
C PRO A 331 6.32 -14.06 18.52
N ASP A 332 7.10 -14.19 19.59
CA ASP A 332 8.39 -13.49 19.68
C ASP A 332 9.31 -13.88 18.53
N GLY A 333 9.39 -15.17 18.22
CA GLY A 333 10.29 -15.61 17.16
C GLY A 333 9.90 -15.07 15.80
N LYS A 334 8.60 -14.99 15.52
CA LYS A 334 8.15 -14.41 14.26
C LYS A 334 8.43 -12.91 14.23
N ARG A 335 8.22 -12.22 15.35
CA ARG A 335 8.50 -10.79 15.39
C ARG A 335 9.97 -10.51 15.12
N ASN A 336 10.86 -11.30 15.74
CA ASN A 336 12.30 -11.14 15.49
C ASN A 336 12.61 -11.37 14.01
N GLU A 337 12.07 -12.44 13.44
CA GLU A 337 12.32 -12.78 12.01
C GLU A 337 11.83 -11.63 11.12
N PHE A 338 10.64 -11.09 11.39
CA PHE A 338 10.10 -10.05 10.54
C PHE A 338 10.88 -8.74 10.69
N GLU A 339 11.24 -8.39 11.92
CA GLU A 339 12.05 -7.19 12.15
C GLU A 339 13.40 -7.29 11.47
N GLU A 340 14.00 -8.49 11.53
CA GLU A 340 15.34 -8.67 10.89
C GLU A 340 15.20 -8.57 9.36
N PHE A 341 14.06 -9.01 8.80
CA PHE A 341 13.87 -8.93 7.36
C PHE A 341 13.80 -7.49 6.88
N VAL A 342 13.08 -6.64 7.60
CA VAL A 342 13.00 -5.22 7.24
C VAL A 342 14.37 -4.56 7.38
N LEU A 343 15.13 -4.92 8.42
CA LEU A 343 16.45 -4.36 8.61
C LEU A 343 17.38 -4.74 7.45
N PHE A 344 17.34 -6.01 7.05
CA PHE A 344 18.20 -6.49 5.95
C PHE A 344 17.90 -5.69 4.67
N ASN A 345 16.61 -5.51 4.37
CA ASN A 345 16.19 -4.75 3.16
C ASN A 345 16.60 -3.28 3.27
N ALA A 346 16.41 -2.67 4.44
CA ALA A 346 16.76 -1.24 4.65
C ALA A 346 18.28 -1.06 4.51
N GLU A 347 19.05 -1.97 5.09
CA GLU A 347 20.54 -1.89 5.00
C GLU A 347 20.96 -2.05 3.54
N THR A 348 20.33 -2.98 2.82
CA THR A 348 20.66 -3.23 1.40
C THR A 348 20.41 -1.96 0.59
N LEU A 349 19.21 -1.39 0.69
CA LEU A 349 18.91 -0.18 -0.07
C LEU A 349 19.86 0.95 0.30
N TYR A 350 20.09 1.15 1.60
CA TYR A 350 20.91 2.28 2.05
C TYR A 350 22.33 2.19 1.50
N HIS A 351 22.95 1.02 1.61
CA HIS A 351 24.36 0.86 1.25
C HIS A 351 24.56 0.53 -0.23
N ASN A 352 23.59 -0.13 -0.87
CA ASN A 352 23.77 -0.62 -2.23
C ASN A 352 22.90 0.07 -3.27
N GLY A 353 21.74 0.59 -2.89
CA GLY A 353 20.75 1.00 -3.88
C GLY A 353 20.44 2.48 -3.97
N LEU A 354 20.83 3.27 -2.97
CA LEU A 354 20.53 4.69 -2.95
C LEU A 354 21.62 5.48 -3.67
N THR A 355 21.21 6.42 -4.51
CA THR A 355 22.16 7.40 -5.01
C THR A 355 22.60 8.30 -3.86
N SER A 356 23.73 8.98 -4.07
CA SER A 356 24.25 9.85 -3.02
C SER A 356 23.27 10.97 -2.69
N ALA A 357 22.45 11.37 -3.65
CA ALA A 357 21.45 12.40 -3.39
C ALA A 357 20.26 11.84 -2.61
N GLY A 358 19.99 10.55 -2.73
CA GLY A 358 18.93 9.92 -1.96
C GLY A 358 17.78 9.41 -2.80
N LEU A 359 18.05 8.98 -4.03
CA LEU A 359 17.03 8.42 -4.90
C LEU A 359 17.18 6.91 -4.94
N ALA A 360 16.05 6.20 -4.84
CA ALA A 360 16.03 4.74 -4.87
C ALA A 360 15.56 4.25 -6.22
N GLY A 361 16.14 3.14 -6.67
CA GLY A 361 15.75 2.52 -7.92
C GLY A 361 14.83 1.34 -7.70
N PRO A 362 14.37 0.71 -8.79
CA PRO A 362 13.51 -0.47 -8.64
C PRO A 362 14.22 -1.68 -8.08
N ASN A 363 15.54 -1.75 -8.20
CA ASN A 363 16.35 -2.82 -7.64
C ASN A 363 17.08 -2.25 -6.43
N TRP A 364 16.68 -2.69 -5.23
CA TRP A 364 17.26 -2.15 -4.00
C TRP A 364 18.73 -2.49 -3.82
N ASN A 365 19.16 -3.24 -4.70
CA ASN A 365 20.56 -3.70 -4.54
C ASN A 365 21.50 -2.98 -5.52
N ASP A 366 21.00 -2.17 -6.41
CA ASP A 366 21.81 -1.42 -7.41
C ASP A 366 21.33 0.03 -7.47
N GLU A 367 22.10 0.98 -7.67
CA GLU A 367 21.69 2.36 -7.87
C GLU A 367 21.08 2.53 -9.25
N PRO A 368 19.99 3.29 -9.38
CA PRO A 368 19.46 3.58 -10.71
C PRO A 368 20.39 4.51 -11.47
N SER A 369 20.62 4.17 -12.73
CA SER A 369 21.53 4.96 -13.57
C SER A 369 20.82 6.03 -14.39
N GLY A 370 19.48 6.00 -14.46
CA GLY A 370 18.75 6.99 -15.20
C GLY A 370 17.53 7.52 -14.50
N ARG A 371 16.40 7.50 -15.21
CA ARG A 371 15.15 8.06 -14.71
C ARG A 371 14.71 7.33 -13.45
N VAL A 372 14.16 8.09 -12.50
CA VAL A 372 13.57 7.54 -11.29
C VAL A 372 12.12 8.01 -11.22
N ASP A 373 11.19 7.07 -11.38
CA ASP A 373 9.77 7.40 -11.23
C ASP A 373 9.44 7.65 -9.76
N LEU A 374 8.44 8.50 -9.55
CA LEU A 374 8.01 8.82 -8.19
C LEU A 374 7.60 7.57 -7.43
N SER A 375 6.91 6.66 -8.12
CA SER A 375 6.48 5.40 -7.49
C SER A 375 7.67 4.65 -6.92
N THR A 376 8.72 4.50 -7.73
CA THR A 376 9.94 3.83 -7.29
C THR A 376 10.51 4.51 -6.06
N GLN A 377 10.57 5.84 -6.07
CA GLN A 377 11.13 6.57 -4.94
C GLN A 377 10.29 6.37 -3.68
N LEU A 378 8.97 6.32 -3.83
CA LEU A 378 8.09 6.17 -2.67
C LEU A 378 8.32 4.85 -1.95
N SER A 379 8.60 3.78 -2.72
CA SER A 379 8.91 2.50 -2.08
C SER A 379 10.14 2.60 -1.20
N GLY A 380 11.16 3.36 -1.63
CA GLY A 380 12.34 3.53 -0.82
C GLY A 380 12.07 4.29 0.47
N VAL A 381 11.29 5.38 0.38
CA VAL A 381 10.94 6.13 1.59
C VAL A 381 10.10 5.29 2.53
N MET A 382 9.16 4.52 1.98
CA MET A 382 8.32 3.67 2.81
C MET A 382 9.15 2.62 3.55
N LEU A 383 10.18 2.09 2.90
CA LEU A 383 11.05 1.12 3.54
C LEU A 383 11.78 1.74 4.73
N MET A 384 12.33 2.94 4.54
CA MET A 384 13.08 3.58 5.62
C MET A 384 12.18 4.01 6.76
N GLU A 385 10.96 4.49 6.45
CA GLU A 385 10.02 4.85 7.51
C GLU A 385 9.61 3.62 8.30
N ALA A 386 9.40 2.49 7.62
CA ALA A 386 9.08 1.26 8.32
C ALA A 386 10.22 0.82 9.23
N LYS A 387 11.46 0.93 8.74
CA LYS A 387 12.62 0.58 9.56
C LYS A 387 12.70 1.46 10.81
N ALA A 388 12.51 2.78 10.62
CA ALA A 388 12.55 3.69 11.76
C ALA A 388 11.43 3.39 12.75
N LEU A 389 10.27 2.97 12.23
CA LEU A 389 9.14 2.65 13.10
C LEU A 389 9.46 1.45 14.00
N LEU A 390 10.21 0.49 13.47
CA LEU A 390 10.46 -0.76 14.21
C LEU A 390 11.59 -0.63 15.22
N GLU A 391 12.45 0.38 15.12
CA GLU A 391 13.54 0.56 16.06
C GLU A 391 13.00 1.03 17.41
#